data_6RIH
#
_entry.id   6RIH
#
_cell.length_a   43.351
_cell.length_b   112.041
_cell.length_c   69.116
_cell.angle_alpha   90.000
_cell.angle_beta   96.040
_cell.angle_gamma   90.000
#
_symmetry.space_group_name_H-M   'P 1 21 1'
#
loop_
_entity.id
_entity.type
_entity.pdbx_description
1 polymer 'D-3-phosphoglycerate dehydrogenase'
2 non-polymer ~{N}-cyclopropyl-2-methyl-5-phenyl-pyrazole-3-carboxamide
3 non-polymer 'SULFATE ION'
4 water water
#
_entity_poly.entity_id   1
_entity_poly.type   'polypeptide(L)'
_entity_poly.pdbx_seq_one_letter_code
;SMANLRKVLISDSLDPCCRKILQDGGLQVVEKQNLSKEELIAELQDCEGLIVRSATKVTADVINAAEKLQVVGRAGTGVD
NVDLEAATRKGILVMNTPNGNSLSAAELTCGMIMCLARQIPQATASMKDGKWERKKFMGTELNGKTLGILGLGRIGREVA
TRMQSFGMKTIGYDPIISPEVSASFGVQQLPLEEIWPLCDFITVHTPLLPSTTGLLNDNTFAQCKKGVRVVNCARGGIVD
EGALLRALQSGQCAGAALDVFTEEPPRDRALVDHENVISCPHLGASTKEAQSRCGEEIAVQFVDMVKGKSLTGV
;
_entity_poly.pdbx_strand_id   A,B
#
loop_
_chem_comp.id
_chem_comp.type
_chem_comp.name
_chem_comp.formula
K4T non-polymer ~{N}-cyclopropyl-2-methyl-5-phenyl-pyrazole-3-carboxamide 'C14 H15 N3 O'
SO4 non-polymer 'SULFATE ION' 'O4 S -2'
#
# COMPACT_ATOMS: atom_id res chain seq x y z
N LEU A 5 20.41 31.46 23.44
CA LEU A 5 18.98 31.17 23.20
C LEU A 5 18.14 31.41 24.46
N ARG A 6 17.37 32.51 24.48
CA ARG A 6 16.53 32.91 25.61
C ARG A 6 15.09 33.24 25.21
N LYS A 7 14.90 33.95 24.09
CA LYS A 7 13.59 34.34 23.58
C LYS A 7 13.34 33.75 22.19
N VAL A 8 12.20 33.07 22.04
CA VAL A 8 11.79 32.42 20.79
C VAL A 8 10.46 32.99 20.29
N LEU A 9 10.40 33.32 18.98
CA LEU A 9 9.20 33.82 18.33
C LEU A 9 8.60 32.74 17.42
N ILE A 10 7.34 32.36 17.68
CA ILE A 10 6.61 31.42 16.83
C ILE A 10 5.79 32.32 15.90
N SER A 11 6.22 32.44 14.64
CA SER A 11 5.58 33.31 13.64
C SER A 11 4.34 32.71 12.98
N ASP A 12 4.20 31.38 12.97
CA ASP A 12 3.06 30.67 12.38
C ASP A 12 2.17 29.96 13.41
N SER A 13 1.12 29.26 12.94
CA SER A 13 0.17 28.54 13.78
C SER A 13 0.39 27.03 13.71
N LEU A 14 0.74 26.42 14.84
CA LEU A 14 0.99 24.98 14.99
C LEU A 14 0.13 24.41 16.14
N ASP A 15 0.71 23.60 17.06
CA ASP A 15 -0.02 23.05 18.20
C ASP A 15 0.32 23.83 19.48
N PRO A 16 -0.63 23.98 20.44
CA PRO A 16 -0.33 24.78 21.66
C PRO A 16 0.74 24.18 22.58
N CYS A 17 1.07 22.88 22.40
CA CYS A 17 2.08 22.17 23.19
C CYS A 17 3.51 22.69 22.95
N CYS A 18 3.80 23.14 21.70
CA CYS A 18 5.10 23.69 21.28
C CYS A 18 5.56 24.83 22.20
N ARG A 19 4.67 25.81 22.49
CA ARG A 19 4.93 26.93 23.38
C ARG A 19 5.21 26.43 24.81
N LYS A 20 4.40 25.45 25.28
CA LYS A 20 4.50 24.83 26.60
C LYS A 20 5.84 24.11 26.81
N ILE A 21 6.34 23.36 25.80
CA ILE A 21 7.61 22.65 25.86
C ILE A 21 8.77 23.66 26.01
N LEU A 22 8.75 24.76 25.22
CA LEU A 22 9.73 25.84 25.28
C LEU A 22 9.68 26.53 26.65
N GLN A 23 8.46 26.69 27.21
CA GLN A 23 8.24 27.29 28.53
C GLN A 23 8.80 26.41 29.64
N ASP A 24 8.66 25.06 29.51
CA ASP A 24 9.19 24.07 30.46
C ASP A 24 10.72 24.02 30.39
N GLY A 25 11.29 24.41 29.24
CA GLY A 25 12.72 24.46 29.00
C GLY A 25 13.37 25.77 29.44
N GLY A 26 12.58 26.64 30.06
CA GLY A 26 13.00 27.93 30.59
C GLY A 26 13.20 29.03 29.56
N LEU A 27 12.50 28.94 28.42
CA LEU A 27 12.59 29.92 27.34
C LEU A 27 11.40 30.87 27.31
N GLN A 28 11.66 32.15 27.00
CA GLN A 28 10.62 33.18 26.84
C GLN A 28 10.01 32.98 25.45
N VAL A 29 8.66 32.88 25.38
CA VAL A 29 7.95 32.64 24.13
C VAL A 29 6.96 33.75 23.80
N VAL A 30 6.96 34.17 22.52
CA VAL A 30 6.02 35.14 21.96
C VAL A 30 5.36 34.46 20.75
N GLU A 31 4.05 34.22 20.84
CA GLU A 31 3.29 33.56 19.77
C GLU A 31 2.39 34.56 19.06
N LYS A 32 2.65 34.76 17.75
CA LYS A 32 1.91 35.66 16.87
C LYS A 32 1.69 34.99 15.50
N GLN A 33 0.73 35.49 14.71
CA GLN A 33 0.43 34.92 13.39
C GLN A 33 0.20 36.00 12.34
N ASN A 34 0.48 35.65 11.06
CA ASN A 34 0.31 36.49 9.86
C ASN A 34 0.97 37.88 10.01
N LEU A 35 2.22 37.90 10.49
CA LEU A 35 2.98 39.13 10.66
C LEU A 35 3.55 39.59 9.32
N SER A 36 3.55 40.91 9.09
CA SER A 36 4.10 41.51 7.86
C SER A 36 5.64 41.46 7.91
N LYS A 37 6.30 41.75 6.76
CA LYS A 37 7.77 41.76 6.64
C LYS A 37 8.40 42.73 7.64
N GLU A 38 7.79 43.92 7.81
CA GLU A 38 8.22 44.98 8.74
C GLU A 38 8.00 44.57 10.21
N GLU A 39 6.82 44.00 10.54
CA GLU A 39 6.46 43.58 11.90
C GLU A 39 7.26 42.39 12.41
N LEU A 40 7.62 41.46 11.51
CA LEU A 40 8.41 40.28 11.81
C LEU A 40 9.83 40.69 12.26
N ILE A 41 10.39 41.73 11.62
CA ILE A 41 11.72 42.29 11.92
C ILE A 41 11.76 42.91 13.32
N ALA A 42 10.72 43.69 13.69
CA ALA A 42 10.58 44.37 14.99
C ALA A 42 10.46 43.39 16.15
N GLU A 43 9.62 42.34 15.99
CA GLU A 43 9.38 41.29 16.98
C GLU A 43 10.63 40.44 17.23
N LEU A 44 11.41 40.15 16.17
CA LEU A 44 12.64 39.36 16.24
C LEU A 44 13.85 40.08 16.85
N GLN A 45 13.77 41.42 17.03
CA GLN A 45 14.87 42.26 17.55
C GLN A 45 15.53 41.77 18.84
N ASP A 46 14.77 41.12 19.73
CA ASP A 46 15.28 40.57 20.99
C ASP A 46 15.11 39.03 21.05
N CYS A 47 14.96 38.41 19.86
CA CYS A 47 14.78 36.97 19.69
C CYS A 47 16.03 36.31 19.11
N GLU A 48 16.44 35.18 19.72
CA GLU A 48 17.59 34.38 19.25
C GLU A 48 17.04 33.19 18.47
N GLY A 49 15.78 32.85 18.71
CA GLY A 49 15.09 31.76 18.04
C GLY A 49 13.85 32.19 17.30
N LEU A 50 13.55 31.47 16.21
CA LEU A 50 12.38 31.67 15.37
C LEU A 50 11.82 30.30 14.97
N ILE A 51 10.50 30.09 15.17
CA ILE A 51 9.81 28.86 14.80
C ILE A 51 8.81 29.23 13.71
N VAL A 52 8.95 28.58 12.54
CA VAL A 52 8.18 28.84 11.34
C VAL A 52 7.58 27.55 10.74
N ARG A 53 6.51 27.70 9.92
CA ARG A 53 5.84 26.60 9.22
C ARG A 53 6.11 26.71 7.71
N SER A 54 5.24 27.46 6.97
CA SER A 54 5.35 27.66 5.52
C SER A 54 4.86 29.04 5.07
N ALA A 55 3.88 29.62 5.81
CA ALA A 55 3.30 30.93 5.50
C ALA A 55 4.30 32.09 5.68
N THR A 56 5.01 32.12 6.82
CA THR A 56 6.00 33.16 7.11
C THR A 56 7.27 32.95 6.29
N LYS A 57 7.60 33.94 5.44
CA LYS A 57 8.78 33.91 4.58
C LYS A 57 9.96 34.52 5.32
N VAL A 58 11.01 33.70 5.56
CA VAL A 58 12.23 34.13 6.24
C VAL A 58 13.25 34.42 5.13
N THR A 59 13.05 35.57 4.48
CA THR A 59 13.87 36.07 3.37
C THR A 59 15.20 36.64 3.87
N ALA A 60 16.12 36.94 2.94
CA ALA A 60 17.44 37.51 3.22
C ALA A 60 17.34 38.80 4.03
N ASP A 61 16.38 39.68 3.68
CA ASP A 61 16.11 40.96 4.33
C ASP A 61 15.73 40.80 5.80
N VAL A 62 14.94 39.75 6.10
CA VAL A 62 14.50 39.41 7.45
C VAL A 62 15.72 38.96 8.28
N ILE A 63 16.49 37.98 7.76
CA ILE A 63 17.70 37.40 8.36
C ILE A 63 18.74 38.49 8.70
N ASN A 64 19.02 39.38 7.74
CA ASN A 64 20.00 40.46 7.90
C ASN A 64 19.58 41.52 8.93
N ALA A 65 18.26 41.74 9.09
CA ALA A 65 17.70 42.71 10.05
C ALA A 65 17.62 42.15 11.47
N ALA A 66 17.43 40.82 11.61
CA ALA A 66 17.35 40.14 12.90
C ALA A 66 18.77 39.69 13.26
N GLU A 67 19.57 40.65 13.76
CA GLU A 67 20.98 40.45 14.08
C GLU A 67 21.23 39.54 15.29
N LYS A 68 20.24 39.40 16.19
CA LYS A 68 20.36 38.52 17.36
C LYS A 68 19.94 37.07 17.06
N LEU A 69 19.34 36.84 15.88
CA LEU A 69 18.85 35.52 15.44
C LEU A 69 19.96 34.49 15.31
N GLN A 70 19.75 33.31 15.93
CA GLN A 70 20.72 32.22 15.98
C GLN A 70 20.19 30.88 15.45
N VAL A 71 18.89 30.62 15.66
CA VAL A 71 18.29 29.34 15.24
C VAL A 71 16.90 29.55 14.60
N VAL A 72 16.68 28.91 13.43
CA VAL A 72 15.42 28.94 12.70
C VAL A 72 14.87 27.50 12.65
N GLY A 73 13.74 27.29 13.31
CA GLY A 73 13.07 26.00 13.39
C GLY A 73 11.97 25.88 12.35
N ARG A 74 11.94 24.74 11.65
CA ARG A 74 10.97 24.49 10.58
C ARG A 74 10.05 23.32 10.83
N ALA A 75 8.74 23.53 10.61
CA ALA A 75 7.71 22.52 10.78
C ALA A 75 7.75 21.47 9.66
N GLY A 76 8.73 20.57 9.76
CA GLY A 76 8.95 19.49 8.80
C GLY A 76 10.34 19.44 8.20
N THR A 77 10.61 18.36 7.43
CA THR A 77 11.87 18.15 6.71
C THR A 77 11.64 18.54 5.24
N GLY A 78 12.55 19.34 4.70
CA GLY A 78 12.48 19.83 3.33
C GLY A 78 12.90 21.27 3.22
N VAL A 79 12.47 21.96 2.14
CA VAL A 79 12.78 23.38 1.84
C VAL A 79 11.58 24.11 1.23
N ASP A 80 11.39 25.41 1.58
CA ASP A 80 10.30 26.24 1.07
C ASP A 80 10.51 27.76 1.31
N ASN A 81 10.14 28.23 2.52
CA ASN A 81 10.08 29.63 2.96
C ASN A 81 11.34 30.22 3.62
N VAL A 82 12.44 29.47 3.79
CA VAL A 82 13.62 30.08 4.41
C VAL A 82 14.78 30.20 3.42
N ASP A 83 15.43 31.38 3.41
CA ASP A 83 16.58 31.65 2.56
C ASP A 83 17.80 31.05 3.23
N LEU A 84 18.22 29.86 2.78
CA LEU A 84 19.37 29.14 3.33
C LEU A 84 20.68 29.87 3.09
N GLU A 85 20.80 30.58 1.93
CA GLU A 85 21.97 31.37 1.54
C GLU A 85 22.29 32.44 2.58
N ALA A 86 21.26 33.22 3.00
CA ALA A 86 21.40 34.28 3.99
C ALA A 86 21.63 33.71 5.39
N ALA A 87 21.03 32.54 5.69
CA ALA A 87 21.16 31.83 6.96
C ALA A 87 22.59 31.29 7.13
N THR A 88 23.21 30.81 6.02
CA THR A 88 24.59 30.31 6.05
C THR A 88 25.58 31.47 6.19
N ARG A 89 25.27 32.65 5.60
CA ARG A 89 26.12 33.85 5.67
C ARG A 89 26.22 34.44 7.09
N LYS A 90 25.09 34.45 7.84
CA LYS A 90 25.02 34.98 9.20
C LYS A 90 25.34 33.92 10.28
N GLY A 91 25.58 32.69 9.85
CA GLY A 91 25.90 31.57 10.72
C GLY A 91 24.71 31.07 11.53
N ILE A 92 23.49 31.28 11.01
CA ILE A 92 22.25 30.85 11.66
C ILE A 92 22.01 29.36 11.42
N LEU A 93 21.64 28.61 12.49
CA LEU A 93 21.34 27.18 12.39
C LEU A 93 19.86 26.96 11.98
N VAL A 94 19.63 26.10 10.98
CA VAL A 94 18.27 25.78 10.50
C VAL A 94 17.92 24.35 10.94
N MET A 95 16.80 24.19 11.67
CA MET A 95 16.34 22.91 12.20
C MET A 95 15.12 22.36 11.46
N ASN A 96 15.13 21.05 11.18
CA ASN A 96 14.06 20.30 10.52
C ASN A 96 13.57 19.15 11.42
N THR A 97 12.46 18.46 11.07
CA THR A 97 11.93 17.38 11.89
C THR A 97 11.93 16.01 11.15
N PRO A 98 13.08 15.28 11.14
CA PRO A 98 13.10 13.99 10.43
C PRO A 98 12.39 12.85 11.13
N ASN A 99 12.57 12.70 12.47
CA ASN A 99 11.96 11.64 13.27
C ASN A 99 10.45 11.84 13.55
N GLY A 100 9.93 13.02 13.25
CA GLY A 100 8.52 13.36 13.42
C GLY A 100 7.70 13.06 12.18
N ASN A 101 8.37 12.96 11.03
CA ASN A 101 7.77 12.67 9.72
C ASN A 101 8.17 11.25 9.25
N SER A 102 9.11 10.62 9.97
CA SER A 102 9.67 9.29 9.70
C SER A 102 8.64 8.19 9.48
N LEU A 103 7.70 8.03 10.44
CA LEU A 103 6.66 7.00 10.44
C LEU A 103 5.79 7.03 9.18
N SER A 104 5.30 8.22 8.78
CA SER A 104 4.46 8.41 7.60
C SER A 104 5.23 8.08 6.33
N ALA A 105 6.55 8.41 6.28
CA ALA A 105 7.39 8.09 5.13
C ALA A 105 7.58 6.57 5.01
N ALA A 106 7.72 5.88 6.16
CA ALA A 106 7.87 4.43 6.24
C ALA A 106 6.62 3.71 5.78
N GLU A 107 5.42 4.25 6.14
CA GLU A 107 4.12 3.71 5.73
C GLU A 107 3.91 3.89 4.24
N LEU A 108 4.27 5.08 3.69
CA LEU A 108 4.17 5.33 2.25
C LEU A 108 5.04 4.33 1.48
N THR A 109 6.27 4.09 1.97
CA THR A 109 7.23 3.15 1.39
C THR A 109 6.62 1.76 1.26
N CYS A 110 6.06 1.23 2.37
CA CYS A 110 5.38 -0.06 2.44
C CYS A 110 4.20 -0.10 1.47
N GLY A 111 3.45 1.00 1.39
CA GLY A 111 2.34 1.16 0.44
C GLY A 111 2.79 1.03 -1.00
N MET A 112 3.94 1.69 -1.32
CA MET A 112 4.58 1.68 -2.64
C MET A 112 5.05 0.27 -3.02
N ILE A 113 5.55 -0.53 -2.06
CA ILE A 113 5.97 -1.92 -2.29
C ILE A 113 4.76 -2.80 -2.66
N MET A 114 3.66 -2.67 -1.90
CA MET A 114 2.41 -3.40 -2.16
C MET A 114 1.82 -3.01 -3.51
N CYS A 115 1.93 -1.70 -3.85
CA CYS A 115 1.48 -1.13 -5.11
C CYS A 115 2.27 -1.68 -6.27
N LEU A 116 3.59 -1.86 -6.08
CA LEU A 116 4.47 -2.37 -7.13
C LEU A 116 4.20 -3.86 -7.40
N ALA A 117 3.97 -4.63 -6.33
CA ALA A 117 3.70 -6.07 -6.45
C ALA A 117 2.38 -6.38 -7.16
N ARG A 118 1.36 -5.51 -7.02
CA ARG A 118 0.03 -5.78 -7.55
C ARG A 118 -0.53 -4.76 -8.54
N GLN A 119 0.23 -3.69 -8.85
CA GLN A 119 -0.13 -2.63 -9.81
C GLN A 119 -1.49 -1.97 -9.51
N ILE A 120 -1.79 -1.75 -8.22
CA ILE A 120 -3.04 -1.15 -7.73
C ILE A 120 -3.32 0.21 -8.40
N PRO A 121 -2.36 1.18 -8.47
CA PRO A 121 -2.66 2.44 -9.17
C PRO A 121 -3.04 2.28 -10.64
N GLN A 122 -2.37 1.35 -11.35
CA GLN A 122 -2.60 1.05 -12.77
C GLN A 122 -3.95 0.37 -12.96
N ALA A 123 -4.23 -0.65 -12.13
CA ALA A 123 -5.51 -1.39 -12.13
C ALA A 123 -6.68 -0.41 -11.92
N THR A 124 -6.52 0.57 -10.99
CA THR A 124 -7.51 1.63 -10.71
C THR A 124 -7.74 2.52 -11.96
N ALA A 125 -6.66 2.94 -12.65
CA ALA A 125 -6.76 3.76 -13.87
C ALA A 125 -7.50 2.99 -14.97
N SER A 126 -7.21 1.68 -15.11
CA SER A 126 -7.83 0.78 -16.07
C SER A 126 -9.33 0.66 -15.79
N MET A 127 -9.70 0.42 -14.52
CA MET A 127 -11.08 0.32 -14.08
C MET A 127 -11.81 1.66 -14.34
N LYS A 128 -11.17 2.82 -14.03
CA LYS A 128 -11.76 4.14 -14.27
C LYS A 128 -11.96 4.46 -15.76
N ASP A 129 -11.31 3.69 -16.65
CA ASP A 129 -11.49 3.82 -18.09
C ASP A 129 -12.53 2.82 -18.63
N GLY A 130 -13.25 2.18 -17.71
CA GLY A 130 -14.28 1.20 -18.01
C GLY A 130 -13.74 -0.13 -18.49
N LYS A 131 -12.47 -0.44 -18.18
CA LYS A 131 -11.84 -1.68 -18.61
C LYS A 131 -11.83 -2.72 -17.51
N TRP A 132 -11.83 -3.99 -17.90
CA TRP A 132 -11.79 -5.16 -17.03
C TRP A 132 -10.66 -6.05 -17.58
N GLU A 133 -9.42 -5.76 -17.13
CA GLU A 133 -8.22 -6.42 -17.63
C GLU A 133 -7.59 -7.32 -16.57
N ARG A 134 -8.00 -8.59 -16.55
CA ARG A 134 -7.51 -9.56 -15.57
C ARG A 134 -6.09 -10.05 -15.89
N LYS A 135 -5.86 -10.47 -17.15
CA LYS A 135 -4.56 -10.96 -17.63
C LYS A 135 -3.44 -9.93 -17.58
N LYS A 136 -3.75 -8.65 -17.88
CA LYS A 136 -2.77 -7.57 -17.87
C LYS A 136 -2.07 -7.38 -16.52
N PHE A 137 -2.82 -7.46 -15.43
CA PHE A 137 -2.27 -7.23 -14.10
C PHE A 137 -2.07 -8.51 -13.29
N MET A 138 -1.19 -9.40 -13.78
CA MET A 138 -0.81 -10.61 -13.05
C MET A 138 0.32 -10.14 -12.11
N GLY A 139 0.04 -10.15 -10.81
CA GLY A 139 0.95 -9.65 -9.79
C GLY A 139 1.86 -10.67 -9.14
N THR A 140 2.60 -10.23 -8.12
CA THR A 140 3.55 -11.07 -7.38
C THR A 140 3.21 -11.05 -5.89
N GLU A 141 3.43 -12.20 -5.24
CA GLU A 141 3.19 -12.39 -3.81
C GLU A 141 4.46 -11.96 -3.07
N LEU A 142 4.32 -11.11 -2.05
CA LEU A 142 5.46 -10.60 -1.26
C LEU A 142 6.09 -11.65 -0.38
N ASN A 143 5.28 -12.63 0.08
CA ASN A 143 5.76 -13.71 0.95
C ASN A 143 6.91 -14.49 0.30
N GLY A 144 8.02 -14.59 1.02
CA GLY A 144 9.21 -15.29 0.55
C GLY A 144 10.18 -14.46 -0.28
N LYS A 145 9.77 -13.25 -0.72
CA LYS A 145 10.60 -12.34 -1.53
C LYS A 145 11.64 -11.64 -0.70
N THR A 146 12.72 -11.20 -1.35
CA THR A 146 13.84 -10.50 -0.72
C THR A 146 13.77 -8.99 -0.96
N LEU A 147 13.62 -8.24 0.14
CA LEU A 147 13.62 -6.79 0.14
C LEU A 147 14.99 -6.30 0.64
N GLY A 148 15.62 -5.46 -0.17
CA GLY A 148 16.87 -4.80 0.14
C GLY A 148 16.60 -3.40 0.64
N ILE A 149 17.07 -3.09 1.85
CA ILE A 149 16.87 -1.79 2.49
C ILE A 149 18.22 -1.10 2.60
N LEU A 150 18.41 -0.08 1.76
CA LEU A 150 19.65 0.70 1.71
C LEU A 150 19.45 1.96 2.50
N GLY A 151 19.93 1.93 3.72
CA GLY A 151 19.75 2.97 4.72
C GLY A 151 18.92 2.34 5.82
N LEU A 152 19.55 2.14 7.00
CA LEU A 152 18.96 1.46 8.14
C LEU A 152 18.79 2.32 9.38
N GLY A 153 18.33 3.55 9.17
CA GLY A 153 18.01 4.48 10.25
C GLY A 153 16.60 4.26 10.72
N ARG A 154 15.92 5.34 11.14
CA ARG A 154 14.57 5.33 11.67
C ARG A 154 13.50 4.84 10.66
N ILE A 155 13.54 5.33 9.41
CA ILE A 155 12.61 4.90 8.37
C ILE A 155 12.90 3.45 7.93
N GLY A 156 14.17 3.18 7.63
CA GLY A 156 14.66 1.86 7.23
C GLY A 156 14.25 0.73 8.15
N ARG A 157 14.39 0.93 9.48
CA ARG A 157 13.99 -0.07 10.48
C ARG A 157 12.47 -0.24 10.57
N GLU A 158 11.71 0.86 10.43
CA GLU A 158 10.25 0.82 10.49
C GLU A 158 9.65 0.09 9.29
N VAL A 159 10.25 0.27 8.09
CA VAL A 159 9.84 -0.40 6.83
C VAL A 159 10.11 -1.91 6.99
N ALA A 160 11.31 -2.24 7.49
CA ALA A 160 11.81 -3.60 7.71
C ALA A 160 10.86 -4.46 8.54
N THR A 161 10.48 -3.98 9.74
CA THR A 161 9.60 -4.72 10.66
C THR A 161 8.19 -4.87 10.06
N ARG A 162 7.70 -3.85 9.37
CA ARG A 162 6.40 -3.94 8.69
C ARG A 162 6.46 -4.98 7.55
N MET A 163 7.52 -4.95 6.71
CA MET A 163 7.63 -5.88 5.58
C MET A 163 7.96 -7.32 6.01
N GLN A 164 8.59 -7.49 7.19
CA GLN A 164 8.88 -8.80 7.81
C GLN A 164 7.57 -9.53 8.15
N SER A 165 6.50 -8.79 8.49
CA SER A 165 5.16 -9.36 8.79
C SER A 165 4.53 -9.97 7.52
N PHE A 166 5.02 -9.58 6.34
CA PHE A 166 4.58 -10.08 5.03
C PHE A 166 5.46 -11.26 4.56
N GLY A 167 6.31 -11.76 5.46
CA GLY A 167 7.21 -12.88 5.19
C GLY A 167 8.31 -12.57 4.20
N MET A 168 8.65 -11.27 4.05
CA MET A 168 9.74 -10.82 3.19
C MET A 168 11.07 -10.95 3.93
N LYS A 169 12.13 -11.35 3.19
CA LYS A 169 13.48 -11.47 3.70
C LYS A 169 14.07 -10.07 3.65
N THR A 170 14.43 -9.50 4.81
CA THR A 170 14.95 -8.13 4.86
C THR A 170 16.45 -8.12 5.09
N ILE A 171 17.17 -7.74 4.03
CA ILE A 171 18.63 -7.61 3.99
C ILE A 171 18.95 -6.16 3.65
N GLY A 172 20.16 -5.71 3.95
CA GLY A 172 20.49 -4.32 3.64
C GLY A 172 21.89 -3.87 3.97
N TYR A 173 22.11 -2.55 3.86
CA TYR A 173 23.42 -1.95 4.13
C TYR A 173 23.27 -0.50 4.56
N ASP A 174 24.12 -0.10 5.52
CA ASP A 174 24.25 1.24 6.06
C ASP A 174 25.63 1.33 6.72
N PRO A 175 26.55 2.21 6.22
CA PRO A 175 27.89 2.31 6.83
C PRO A 175 27.93 2.89 8.25
N ILE A 176 26.90 3.68 8.63
CA ILE A 176 26.81 4.31 9.96
C ILE A 176 26.18 3.34 10.99
N ILE A 177 25.13 2.60 10.59
CA ILE A 177 24.44 1.64 11.47
C ILE A 177 25.25 0.33 11.58
N SER A 178 25.52 -0.10 12.82
CA SER A 178 26.28 -1.30 13.15
C SER A 178 25.56 -2.60 12.74
N PRO A 179 26.28 -3.71 12.45
CA PRO A 179 25.58 -4.98 12.12
C PRO A 179 24.69 -5.46 13.26
N GLU A 180 25.12 -5.20 14.53
CA GLU A 180 24.43 -5.54 15.77
C GLU A 180 23.11 -4.77 15.91
N VAL A 181 23.13 -3.45 15.62
CA VAL A 181 21.93 -2.60 15.69
C VAL A 181 20.89 -3.04 14.64
N SER A 182 21.33 -3.39 13.41
CA SER A 182 20.41 -3.82 12.35
C SER A 182 19.85 -5.22 12.58
N ALA A 183 20.64 -6.10 13.23
CA ALA A 183 20.23 -7.47 13.56
C ALA A 183 19.11 -7.47 14.60
N SER A 184 19.09 -6.44 15.47
CA SER A 184 18.08 -6.24 16.52
C SER A 184 16.66 -6.03 15.95
N PHE A 185 16.58 -5.61 14.67
CA PHE A 185 15.31 -5.43 13.95
C PHE A 185 15.24 -6.33 12.68
N GLY A 186 15.87 -7.51 12.79
CA GLY A 186 15.89 -8.55 11.77
C GLY A 186 16.42 -8.23 10.39
N VAL A 187 17.37 -7.29 10.28
CA VAL A 187 17.97 -6.96 8.99
C VAL A 187 19.42 -7.44 8.94
N GLN A 188 19.71 -8.43 8.08
CA GLN A 188 21.05 -8.96 7.91
C GLN A 188 21.85 -8.03 7.01
N GLN A 189 22.96 -7.46 7.52
CA GLN A 189 23.80 -6.58 6.72
C GLN A 189 24.82 -7.37 5.93
N LEU A 190 24.93 -7.04 4.65
CA LEU A 190 25.87 -7.63 3.69
C LEU A 190 26.42 -6.45 2.90
N PRO A 191 27.65 -6.52 2.31
CA PRO A 191 28.13 -5.38 1.50
C PRO A 191 27.27 -5.17 0.25
N LEU A 192 27.25 -3.94 -0.29
CA LEU A 192 26.44 -3.52 -1.44
C LEU A 192 26.44 -4.50 -2.61
N GLU A 193 27.62 -4.97 -3.04
CA GLU A 193 27.80 -5.90 -4.18
C GLU A 193 27.02 -7.22 -4.04
N GLU A 194 26.90 -7.73 -2.80
CA GLU A 194 26.17 -8.97 -2.49
C GLU A 194 24.65 -8.75 -2.44
N ILE A 195 24.21 -7.51 -2.12
CA ILE A 195 22.79 -7.10 -2.02
C ILE A 195 22.06 -7.14 -3.38
N TRP A 196 22.61 -6.44 -4.39
CA TRP A 196 22.01 -6.32 -5.73
C TRP A 196 21.46 -7.64 -6.34
N PRO A 197 22.21 -8.77 -6.49
CA PRO A 197 21.61 -9.95 -7.14
C PRO A 197 20.59 -10.75 -6.31
N LEU A 198 20.45 -10.44 -5.01
CA LEU A 198 19.54 -11.17 -4.13
C LEU A 198 18.14 -10.59 -4.05
N CYS A 199 18.01 -9.27 -4.26
CA CYS A 199 16.75 -8.53 -4.11
C CYS A 199 15.73 -8.73 -5.22
N ASP A 200 14.47 -8.83 -4.80
CA ASP A 200 13.29 -8.83 -5.66
C ASP A 200 12.77 -7.39 -5.61
N PHE A 201 13.00 -6.73 -4.46
CA PHE A 201 12.61 -5.36 -4.17
C PHE A 201 13.76 -4.61 -3.50
N ILE A 202 13.91 -3.31 -3.82
CA ILE A 202 14.94 -2.44 -3.25
C ILE A 202 14.30 -1.12 -2.84
N THR A 203 14.59 -0.67 -1.62
CA THR A 203 14.09 0.61 -1.11
C THR A 203 15.24 1.40 -0.49
N VAL A 204 15.27 2.71 -0.78
CA VAL A 204 16.34 3.59 -0.31
C VAL A 204 15.84 4.54 0.78
N HIS A 205 16.60 4.62 1.89
CA HIS A 205 16.29 5.46 3.04
C HIS A 205 17.58 6.07 3.59
N THR A 206 18.23 6.87 2.75
CA THR A 206 19.50 7.55 3.04
C THR A 206 19.34 9.06 2.79
N PRO A 207 20.17 9.94 3.38
CA PRO A 207 20.09 11.36 3.00
C PRO A 207 20.69 11.54 1.61
N LEU A 208 20.49 12.71 0.97
CA LEU A 208 21.12 12.94 -0.33
C LEU A 208 22.48 13.55 -0.11
N LEU A 209 23.53 12.80 -0.51
CA LEU A 209 24.95 13.16 -0.38
C LEU A 209 25.68 12.66 -1.65
N PRO A 210 26.92 13.13 -1.96
CA PRO A 210 27.65 12.60 -3.12
C PRO A 210 27.84 11.07 -3.11
N SER A 211 27.99 10.46 -1.92
CA SER A 211 28.14 9.01 -1.76
C SER A 211 26.84 8.24 -2.02
N THR A 212 25.68 8.93 -2.00
CA THR A 212 24.36 8.30 -2.23
C THR A 212 23.72 8.76 -3.55
N THR A 213 24.31 9.75 -4.25
CA THR A 213 23.81 10.25 -5.54
C THR A 213 24.10 9.18 -6.61
N GLY A 214 23.04 8.74 -7.30
CA GLY A 214 23.12 7.71 -8.32
C GLY A 214 23.55 6.36 -7.76
N LEU A 215 23.09 6.05 -6.51
CA LEU A 215 23.36 4.79 -5.79
C LEU A 215 22.81 3.66 -6.65
N LEU A 216 21.62 3.87 -7.23
CA LEU A 216 21.05 2.94 -8.19
C LEU A 216 21.29 3.57 -9.55
N ASN A 217 22.27 3.02 -10.28
CA ASN A 217 22.69 3.49 -11.61
C ASN A 217 22.79 2.33 -12.58
N ASP A 218 23.29 2.58 -13.81
CA ASP A 218 23.43 1.57 -14.87
C ASP A 218 24.23 0.35 -14.43
N ASN A 219 25.32 0.57 -13.66
CA ASN A 219 26.19 -0.48 -13.17
C ASN A 219 25.50 -1.33 -12.11
N THR A 220 24.83 -0.70 -11.13
CA THR A 220 24.13 -1.42 -10.06
C THR A 220 22.83 -2.09 -10.58
N PHE A 221 22.16 -1.50 -11.60
CA PHE A 221 20.96 -2.10 -12.22
C PHE A 221 21.32 -3.39 -12.97
N ALA A 222 22.51 -3.43 -13.61
CA ALA A 222 23.03 -4.62 -14.31
C ALA A 222 23.37 -5.75 -13.32
N GLN A 223 23.76 -5.38 -12.08
CA GLN A 223 24.08 -6.33 -11.02
C GLN A 223 22.81 -6.89 -10.38
N CYS A 224 21.71 -6.10 -10.44
CA CYS A 224 20.40 -6.47 -9.91
C CYS A 224 19.84 -7.67 -10.65
N LYS A 225 18.94 -8.39 -9.97
CA LYS A 225 18.20 -9.53 -10.51
C LYS A 225 17.20 -8.94 -11.52
N LYS A 226 17.10 -9.56 -12.73
CA LYS A 226 16.19 -9.12 -13.78
C LYS A 226 14.75 -9.14 -13.26
N GLY A 227 14.09 -7.99 -13.34
CA GLY A 227 12.72 -7.83 -12.87
C GLY A 227 12.60 -7.22 -11.48
N VAL A 228 13.69 -6.57 -11.02
CA VAL A 228 13.73 -5.89 -9.72
C VAL A 228 12.74 -4.71 -9.70
N ARG A 229 12.11 -4.48 -8.54
CA ARG A 229 11.19 -3.38 -8.32
C ARG A 229 11.84 -2.48 -7.30
N VAL A 230 11.94 -1.19 -7.65
CA VAL A 230 12.64 -0.17 -6.87
C VAL A 230 11.69 0.86 -6.27
N VAL A 231 11.95 1.27 -5.02
CA VAL A 231 11.16 2.30 -4.33
C VAL A 231 12.11 3.43 -3.91
N ASN A 232 11.70 4.68 -4.18
CA ASN A 232 12.41 5.85 -3.72
C ASN A 232 11.46 6.88 -3.08
N CYS A 233 11.32 6.77 -1.74
CA CYS A 233 10.51 7.67 -0.89
C CYS A 233 11.46 8.49 0.02
N ALA A 234 12.74 8.58 -0.36
CA ALA A 234 13.76 9.27 0.42
C ALA A 234 14.08 10.67 -0.13
N ARG A 235 14.97 10.77 -1.14
CA ARG A 235 15.40 12.02 -1.76
C ARG A 235 15.67 11.81 -3.24
N GLY A 236 15.22 12.76 -4.06
CA GLY A 236 15.41 12.72 -5.51
C GLY A 236 16.89 12.83 -5.86
N GLY A 237 17.38 11.82 -6.56
CA GLY A 237 18.80 11.74 -6.95
C GLY A 237 19.49 10.46 -6.53
N ILE A 238 18.97 9.76 -5.49
CA ILE A 238 19.51 8.50 -4.98
C ILE A 238 19.42 7.43 -6.09
N VAL A 239 18.30 7.43 -6.82
CA VAL A 239 18.12 6.57 -7.98
C VAL A 239 18.43 7.47 -9.16
N ASP A 240 19.43 7.11 -9.98
CA ASP A 240 19.75 7.89 -11.18
C ASP A 240 18.54 7.74 -12.11
N GLU A 241 17.85 8.86 -12.35
CA GLU A 241 16.62 8.93 -13.14
C GLU A 241 16.81 8.48 -14.59
N GLY A 242 17.98 8.79 -15.17
CA GLY A 242 18.33 8.38 -16.52
C GLY A 242 18.51 6.87 -16.59
N ALA A 243 19.28 6.32 -15.65
CA ALA A 243 19.56 4.89 -15.51
C ALA A 243 18.29 4.08 -15.25
N LEU A 244 17.38 4.60 -14.40
CA LEU A 244 16.11 3.96 -14.07
C LEU A 244 15.23 3.76 -15.31
N LEU A 245 15.11 4.79 -16.17
CA LEU A 245 14.33 4.73 -17.41
C LEU A 245 14.86 3.63 -18.33
N ARG A 246 16.19 3.49 -18.44
CA ARG A 246 16.83 2.46 -19.26
C ARG A 246 16.52 1.04 -18.75
N ALA A 247 16.50 0.85 -17.42
CA ALA A 247 16.20 -0.42 -16.77
C ALA A 247 14.73 -0.82 -16.97
N LEU A 248 13.80 0.16 -16.97
CA LEU A 248 12.37 -0.07 -17.21
C LEU A 248 12.14 -0.38 -18.70
N GLN A 249 12.88 0.29 -19.59
CA GLN A 249 12.78 0.11 -21.05
C GLN A 249 13.21 -1.29 -21.50
N SER A 250 14.23 -1.88 -20.85
CA SER A 250 14.74 -3.22 -21.15
C SER A 250 14.00 -4.34 -20.38
N GLY A 251 13.43 -3.99 -19.23
CA GLY A 251 12.73 -4.95 -18.36
C GLY A 251 13.56 -5.39 -17.18
N GLN A 252 14.80 -4.86 -17.08
CA GLN A 252 15.76 -5.13 -15.99
C GLN A 252 15.16 -4.69 -14.66
N CYS A 253 14.34 -3.63 -14.70
CA CYS A 253 13.54 -3.12 -13.60
C CYS A 253 12.09 -3.31 -14.04
N ALA A 254 11.34 -4.15 -13.32
CA ALA A 254 9.94 -4.43 -13.65
C ALA A 254 8.99 -3.27 -13.33
N GLY A 255 9.40 -2.41 -12.39
CA GLY A 255 8.61 -1.28 -11.93
C GLY A 255 9.29 -0.44 -10.88
N ALA A 256 8.88 0.82 -10.77
CA ALA A 256 9.45 1.76 -9.80
C ALA A 256 8.37 2.62 -9.17
N ALA A 257 8.54 2.93 -7.88
CA ALA A 257 7.62 3.76 -7.12
C ALA A 257 8.42 4.94 -6.59
N LEU A 258 8.11 6.13 -7.12
CA LEU A 258 8.84 7.37 -6.81
C LEU A 258 8.00 8.42 -6.14
N ASP A 259 8.35 8.77 -4.90
CA ASP A 259 7.68 9.85 -4.20
C ASP A 259 8.53 11.12 -4.36
N VAL A 260 9.78 10.97 -4.81
CA VAL A 260 10.76 12.05 -4.92
C VAL A 260 11.45 12.09 -6.29
N PHE A 261 11.85 13.28 -6.74
CA PHE A 261 12.52 13.49 -8.02
C PHE A 261 13.66 14.47 -7.85
N THR A 262 14.68 14.40 -8.74
CA THR A 262 15.87 15.29 -8.72
C THR A 262 15.46 16.76 -8.78
N GLU A 263 14.37 17.05 -9.50
CA GLU A 263 13.72 18.34 -9.65
C GLU A 263 12.26 18.13 -9.25
N GLU A 264 11.72 19.00 -8.37
CA GLU A 264 10.34 18.83 -7.88
C GLU A 264 9.44 20.07 -8.05
N PRO A 265 8.42 20.03 -8.95
CA PRO A 265 8.03 18.94 -9.85
C PRO A 265 9.04 18.63 -10.98
N PRO A 266 9.10 17.38 -11.50
CA PRO A 266 10.04 17.09 -12.58
C PRO A 266 9.60 17.65 -13.93
N ARG A 267 10.55 18.21 -14.69
CA ARG A 267 10.31 18.77 -16.03
C ARG A 267 10.26 17.63 -17.04
N ASP A 268 11.20 16.65 -16.90
CA ASP A 268 11.27 15.47 -17.75
C ASP A 268 10.18 14.53 -17.22
N ARG A 269 9.17 14.23 -18.06
CA ARG A 269 7.99 13.44 -17.67
C ARG A 269 8.06 11.95 -18.01
N ALA A 270 9.13 11.51 -18.70
CA ALA A 270 9.34 10.12 -19.14
C ALA A 270 9.16 9.06 -18.04
N LEU A 271 9.64 9.33 -16.81
CA LEU A 271 9.50 8.41 -15.68
C LEU A 271 8.07 8.36 -15.20
N VAL A 272 7.49 9.53 -14.86
CA VAL A 272 6.09 9.64 -14.42
C VAL A 272 5.13 8.98 -15.43
N ASP A 273 5.32 9.29 -16.74
CA ASP A 273 4.49 8.76 -17.84
C ASP A 273 4.67 7.26 -18.12
N HIS A 274 5.71 6.62 -17.58
CA HIS A 274 5.91 5.19 -17.80
C HIS A 274 4.83 4.34 -17.09
N GLU A 275 4.27 3.36 -17.83
CA GLU A 275 3.22 2.44 -17.36
C GLU A 275 3.61 1.67 -16.09
N ASN A 276 4.92 1.37 -15.91
CA ASN A 276 5.40 0.62 -14.77
C ASN A 276 5.89 1.51 -13.62
N VAL A 277 5.57 2.81 -13.68
CA VAL A 277 6.00 3.77 -12.67
C VAL A 277 4.82 4.36 -11.90
N ILE A 278 4.87 4.18 -10.59
CA ILE A 278 3.95 4.69 -9.58
C ILE A 278 4.62 5.94 -8.98
N SER A 279 3.87 7.02 -8.81
CA SER A 279 4.44 8.27 -8.28
C SER A 279 3.48 9.09 -7.44
N CYS A 280 4.04 9.93 -6.56
CA CYS A 280 3.31 10.84 -5.66
C CYS A 280 4.02 12.20 -5.65
N PRO A 281 3.31 13.32 -5.41
CA PRO A 281 3.99 14.63 -5.34
C PRO A 281 4.65 14.89 -3.97
N HIS A 282 5.69 14.09 -3.61
CA HIS A 282 6.42 14.16 -2.34
C HIS A 282 5.47 14.16 -1.13
N LEU A 283 4.72 13.06 -0.97
CA LEU A 283 3.72 12.91 0.09
C LEU A 283 4.20 12.16 1.33
N GLY A 284 5.50 11.82 1.38
CA GLY A 284 6.12 11.08 2.48
C GLY A 284 5.78 11.57 3.87
N ALA A 285 5.71 12.90 4.04
CA ALA A 285 5.38 13.55 5.30
C ALA A 285 3.97 14.19 5.28
N SER A 286 3.21 14.01 4.19
CA SER A 286 1.90 14.63 4.01
C SER A 286 0.73 13.87 4.63
N THR A 287 0.72 13.80 5.97
CA THR A 287 -0.38 13.23 6.75
C THR A 287 -0.72 14.24 7.84
N LYS A 288 -2.01 14.30 8.24
CA LYS A 288 -2.47 15.20 9.30
C LYS A 288 -1.65 14.96 10.59
N GLU A 289 -1.37 13.68 10.90
CA GLU A 289 -0.61 13.23 12.08
C GLU A 289 0.84 13.73 12.11
N ALA A 290 1.58 13.59 10.98
CA ALA A 290 2.99 14.03 10.91
C ALA A 290 3.12 15.56 10.98
N GLN A 291 2.15 16.29 10.39
CA GLN A 291 2.07 17.76 10.39
C GLN A 291 1.74 18.28 11.79
N SER A 292 0.93 17.53 12.56
CA SER A 292 0.56 17.89 13.92
C SER A 292 1.69 17.60 14.91
N ARG A 293 2.67 16.77 14.50
CA ARG A 293 3.82 16.37 15.31
C ARG A 293 5.05 17.25 15.16
N CYS A 294 5.34 17.75 13.94
CA CYS A 294 6.54 18.54 13.65
C CYS A 294 6.71 19.78 14.56
N GLY A 295 5.63 20.50 14.84
CA GLY A 295 5.64 21.66 15.73
C GLY A 295 6.18 21.33 17.11
N GLU A 296 5.68 20.22 17.68
CA GLU A 296 6.06 19.64 18.97
C GLU A 296 7.54 19.20 18.94
N GLU A 297 7.99 18.64 17.80
CA GLU A 297 9.35 18.16 17.62
C GLU A 297 10.39 19.28 17.54
N ILE A 298 10.04 20.47 17.00
CA ILE A 298 10.94 21.64 16.92
C ILE A 298 11.21 22.13 18.33
N ALA A 299 10.14 22.26 19.16
CA ALA A 299 10.19 22.69 20.55
C ALA A 299 11.13 21.81 21.35
N VAL A 300 11.03 20.47 21.16
CA VAL A 300 11.89 19.47 21.81
C VAL A 300 13.35 19.68 21.39
N GLN A 301 13.61 19.95 20.08
CA GLN A 301 14.95 20.21 19.55
C GLN A 301 15.57 21.50 20.10
N PHE A 302 14.74 22.57 20.26
CA PHE A 302 15.15 23.87 20.80
C PHE A 302 15.51 23.75 22.29
N VAL A 303 14.75 22.93 23.03
CA VAL A 303 14.95 22.65 24.45
C VAL A 303 16.16 21.72 24.62
N ASP A 304 16.34 20.74 23.70
CA ASP A 304 17.47 19.82 23.69
C ASP A 304 18.82 20.53 23.48
N MET A 305 18.77 21.79 23.00
CA MET A 305 19.92 22.67 22.80
C MET A 305 20.27 23.37 24.11
N VAL A 306 19.25 23.75 24.93
CA VAL A 306 19.46 24.40 26.22
C VAL A 306 19.52 23.37 27.34
N LEU B 5 -12.72 -43.44 -16.46
CA LEU B 5 -11.64 -43.08 -15.54
C LEU B 5 -10.35 -42.67 -16.26
N ARG B 6 -9.71 -41.58 -15.75
CA ARG B 6 -8.43 -41.00 -16.19
C ARG B 6 -8.40 -40.49 -17.66
N LYS B 7 -8.43 -39.14 -17.81
CA LYS B 7 -8.38 -38.27 -19.02
C LYS B 7 -8.90 -36.88 -18.59
N VAL B 8 -8.02 -35.85 -18.59
CA VAL B 8 -8.34 -34.50 -18.12
C VAL B 8 -8.26 -33.43 -19.23
N LEU B 9 -9.15 -32.41 -19.14
CA LEU B 9 -9.19 -31.27 -20.05
C LEU B 9 -9.08 -29.93 -19.27
N ILE B 10 -8.07 -29.13 -19.62
CA ILE B 10 -7.84 -27.79 -19.05
C ILE B 10 -8.35 -26.77 -20.08
N SER B 11 -9.38 -25.98 -19.70
CA SER B 11 -10.01 -24.99 -20.58
C SER B 11 -9.70 -23.51 -20.24
N ASP B 12 -8.80 -23.27 -19.28
CA ASP B 12 -8.39 -21.93 -18.86
C ASP B 12 -6.87 -21.80 -18.74
N SER B 13 -6.36 -20.55 -18.73
CA SER B 13 -4.93 -20.27 -18.60
C SER B 13 -4.46 -20.59 -17.19
N LEU B 14 -3.85 -21.78 -17.02
CA LEU B 14 -3.35 -22.26 -15.73
C LEU B 14 -1.82 -22.30 -15.71
N ASP B 15 -1.25 -22.50 -14.52
CA ASP B 15 0.20 -22.62 -14.34
C ASP B 15 0.65 -23.94 -14.99
N PRO B 16 1.82 -23.98 -15.69
CA PRO B 16 2.24 -25.24 -16.34
C PRO B 16 2.42 -26.45 -15.42
N CYS B 17 2.46 -26.23 -14.08
CA CYS B 17 2.57 -27.29 -13.08
C CYS B 17 1.36 -28.24 -13.10
N CYS B 18 0.15 -27.69 -13.37
CA CYS B 18 -1.10 -28.45 -13.45
C CYS B 18 -0.99 -29.58 -14.49
N ARG B 19 -0.31 -29.29 -15.62
CA ARG B 19 -0.05 -30.24 -16.71
C ARG B 19 1.00 -31.28 -16.31
N LYS B 20 2.18 -30.86 -15.78
CA LYS B 20 3.28 -31.76 -15.41
C LYS B 20 2.90 -32.78 -14.31
N ILE B 21 1.87 -32.47 -13.50
CA ILE B 21 1.40 -33.39 -12.47
C ILE B 21 0.43 -34.41 -13.12
N LEU B 22 0.97 -35.59 -13.49
CA LEU B 22 0.28 -36.72 -14.12
C LEU B 22 1.03 -38.03 -13.91
N GLY B 26 -1.51 -40.06 -12.21
CA GLY B 26 -2.20 -39.52 -13.39
C GLY B 26 -1.66 -40.05 -14.70
N LEU B 27 -2.27 -39.63 -15.83
CA LEU B 27 -1.85 -40.09 -17.15
C LEU B 27 -1.81 -38.99 -18.24
N GLN B 28 -2.97 -38.69 -18.88
CA GLN B 28 -3.07 -37.75 -20.02
C GLN B 28 -3.87 -36.49 -19.75
N VAL B 29 -3.44 -35.36 -20.37
CA VAL B 29 -4.03 -34.02 -20.25
C VAL B 29 -4.09 -33.33 -21.63
N VAL B 30 -5.24 -32.70 -21.96
CA VAL B 30 -5.45 -31.90 -23.18
C VAL B 30 -5.78 -30.46 -22.75
N GLU B 31 -4.96 -29.49 -23.19
CA GLU B 31 -5.09 -28.09 -22.80
C GLU B 31 -5.35 -27.11 -23.95
N LYS B 32 -6.42 -26.29 -23.80
CA LYS B 32 -6.85 -25.24 -24.75
C LYS B 32 -7.32 -23.99 -23.97
N GLN B 33 -7.65 -22.89 -24.69
CA GLN B 33 -8.07 -21.62 -24.08
C GLN B 33 -9.06 -20.79 -24.93
N ASN B 34 -9.78 -19.85 -24.26
CA ASN B 34 -10.75 -18.91 -24.83
C ASN B 34 -11.79 -19.58 -25.76
N LEU B 35 -12.36 -20.70 -25.30
CA LEU B 35 -13.34 -21.47 -26.06
C LEU B 35 -14.77 -20.98 -25.87
N SER B 36 -15.58 -21.05 -26.95
CA SER B 36 -16.99 -20.66 -26.96
C SER B 36 -17.83 -21.75 -26.26
N LYS B 37 -19.15 -21.55 -26.09
CA LYS B 37 -20.04 -22.55 -25.49
C LYS B 37 -19.97 -23.85 -26.32
N GLU B 38 -19.83 -23.69 -27.66
CA GLU B 38 -19.71 -24.77 -28.63
C GLU B 38 -18.36 -25.49 -28.50
N GLU B 39 -17.31 -24.78 -28.00
CA GLU B 39 -15.94 -25.24 -27.70
C GLU B 39 -15.41 -26.32 -28.67
N LEU B 40 -14.74 -27.36 -28.13
CA LEU B 40 -14.22 -28.53 -28.86
C LEU B 40 -15.07 -29.77 -28.46
N ILE B 41 -16.21 -29.50 -27.77
CA ILE B 41 -17.25 -30.34 -27.18
C ILE B 41 -17.12 -31.87 -27.56
N ALA B 42 -16.12 -32.51 -26.92
CA ALA B 42 -15.81 -33.95 -27.04
C ALA B 42 -15.56 -34.53 -25.64
N GLU B 43 -15.31 -33.62 -24.67
CA GLU B 43 -15.05 -33.91 -23.26
C GLU B 43 -16.30 -34.45 -22.56
N CYS B 47 -13.23 -36.95 -22.84
CA CYS B 47 -12.59 -36.69 -21.55
C CYS B 47 -13.52 -36.99 -20.38
N GLU B 48 -12.92 -37.31 -19.21
CA GLU B 48 -13.64 -37.61 -17.98
C GLU B 48 -13.44 -36.52 -16.92
N GLY B 49 -12.38 -35.74 -17.07
CA GLY B 49 -12.03 -34.66 -16.15
C GLY B 49 -12.01 -33.29 -16.80
N LEU B 50 -12.43 -32.26 -16.03
CA LEU B 50 -12.45 -30.87 -16.48
C LEU B 50 -11.87 -29.96 -15.40
N ILE B 51 -10.76 -29.26 -15.74
CA ILE B 51 -10.12 -28.32 -14.83
C ILE B 51 -10.29 -26.91 -15.39
N VAL B 52 -10.90 -26.02 -14.59
CA VAL B 52 -11.19 -24.64 -14.95
C VAL B 52 -10.58 -23.65 -13.95
N ARG B 53 -10.57 -22.36 -14.31
CA ARG B 53 -10.20 -21.27 -13.44
C ARG B 53 -11.53 -20.51 -13.25
N SER B 54 -11.72 -19.34 -13.89
CA SER B 54 -12.97 -18.58 -13.76
C SER B 54 -13.69 -18.30 -15.08
N ALA B 55 -12.94 -18.08 -16.17
CA ALA B 55 -13.46 -17.75 -17.50
C ALA B 55 -14.40 -18.81 -18.09
N THR B 56 -14.01 -20.11 -18.05
CA THR B 56 -14.83 -21.18 -18.59
C THR B 56 -16.07 -21.42 -17.71
N LYS B 57 -17.26 -21.32 -18.34
CA LYS B 57 -18.56 -21.49 -17.70
C LYS B 57 -19.04 -22.94 -17.72
N VAL B 58 -19.08 -23.57 -16.54
CA VAL B 58 -19.53 -24.95 -16.37
C VAL B 58 -21.03 -24.93 -15.99
N THR B 59 -21.86 -24.45 -16.95
CA THR B 59 -23.32 -24.32 -16.83
C THR B 59 -24.02 -25.68 -16.98
N ALA B 60 -25.36 -25.70 -16.84
CA ALA B 60 -26.18 -26.91 -16.96
C ALA B 60 -26.05 -27.57 -18.34
N ASP B 61 -26.05 -26.76 -19.42
CA ASP B 61 -25.93 -27.24 -20.80
C ASP B 61 -24.63 -27.99 -21.11
N VAL B 62 -23.46 -27.45 -20.69
CA VAL B 62 -22.16 -28.11 -20.93
C VAL B 62 -22.02 -29.41 -20.10
N ILE B 63 -22.63 -29.45 -18.90
CA ILE B 63 -22.64 -30.63 -18.03
C ILE B 63 -23.48 -31.75 -18.67
N ASN B 64 -24.62 -31.38 -19.28
CA ASN B 64 -25.52 -32.31 -19.97
C ASN B 64 -24.94 -32.79 -21.30
N ALA B 65 -24.22 -31.91 -22.03
CA ALA B 65 -23.61 -32.23 -23.33
C ALA B 65 -22.41 -33.19 -23.20
N ALA B 66 -21.74 -33.18 -22.02
CA ALA B 66 -20.59 -34.02 -21.72
C ALA B 66 -21.00 -35.05 -20.64
N GLU B 67 -21.68 -36.13 -21.08
CA GLU B 67 -22.15 -37.21 -20.22
C GLU B 67 -21.02 -38.06 -19.63
N LYS B 68 -19.90 -38.17 -20.37
CA LYS B 68 -18.71 -38.94 -19.97
C LYS B 68 -17.92 -38.29 -18.83
N LEU B 69 -18.12 -36.96 -18.61
CA LEU B 69 -17.46 -36.17 -17.57
C LEU B 69 -17.86 -36.67 -16.17
N GLN B 70 -16.86 -37.02 -15.36
CA GLN B 70 -17.01 -37.56 -14.01
C GLN B 70 -16.68 -36.58 -12.89
N VAL B 71 -15.67 -35.71 -13.10
CA VAL B 71 -15.23 -34.74 -12.09
C VAL B 71 -14.89 -33.37 -12.70
N VAL B 72 -15.30 -32.29 -12.02
CA VAL B 72 -15.04 -30.91 -12.37
C VAL B 72 -14.22 -30.29 -11.25
N GLY B 73 -13.06 -29.75 -11.59
CA GLY B 73 -12.15 -29.12 -10.64
C GLY B 73 -11.83 -27.68 -10.97
N ARG B 74 -11.81 -26.82 -9.95
CA ARG B 74 -11.47 -25.41 -10.12
C ARG B 74 -10.15 -25.06 -9.43
N ALA B 75 -9.22 -24.46 -10.18
CA ALA B 75 -7.94 -24.01 -9.64
C ALA B 75 -8.12 -22.58 -9.07
N GLY B 76 -8.83 -22.51 -7.95
CA GLY B 76 -9.15 -21.29 -7.24
C GLY B 76 -10.15 -21.49 -6.12
N THR B 77 -10.50 -20.40 -5.41
CA THR B 77 -11.47 -20.44 -4.30
C THR B 77 -12.90 -20.26 -4.80
N GLY B 78 -13.83 -21.00 -4.18
CA GLY B 78 -15.24 -20.97 -4.55
C GLY B 78 -15.48 -21.71 -5.85
N VAL B 79 -16.76 -21.78 -6.27
CA VAL B 79 -17.18 -22.46 -7.50
C VAL B 79 -18.32 -21.68 -8.20
N ASP B 80 -18.15 -20.35 -8.34
CA ASP B 80 -19.13 -19.45 -8.95
C ASP B 80 -19.41 -19.74 -10.43
N ASN B 81 -18.39 -20.21 -11.17
CA ASN B 81 -18.49 -20.54 -12.59
C ASN B 81 -18.92 -21.99 -12.86
N VAL B 82 -19.23 -22.77 -11.80
CA VAL B 82 -19.65 -24.17 -11.90
C VAL B 82 -21.03 -24.33 -11.27
N ASP B 83 -22.00 -24.86 -12.04
CA ASP B 83 -23.35 -25.12 -11.54
C ASP B 83 -23.32 -26.41 -10.71
N LEU B 84 -23.37 -26.26 -9.38
CA LEU B 84 -23.33 -27.36 -8.41
C LEU B 84 -24.56 -28.26 -8.51
N GLU B 85 -25.74 -27.66 -8.75
CA GLU B 85 -27.03 -28.35 -8.87
C GLU B 85 -27.02 -29.31 -10.07
N ALA B 86 -26.47 -28.85 -11.20
CA ALA B 86 -26.36 -29.63 -12.44
C ALA B 86 -25.31 -30.73 -12.31
N ALA B 87 -24.27 -30.49 -11.49
CA ALA B 87 -23.21 -31.46 -11.23
C ALA B 87 -23.71 -32.62 -10.36
N THR B 88 -24.45 -32.30 -9.27
CA THR B 88 -25.03 -33.29 -8.36
C THR B 88 -26.14 -34.11 -9.03
N ARG B 89 -26.73 -33.56 -10.12
CA ARG B 89 -27.77 -34.16 -10.94
C ARG B 89 -27.23 -35.39 -11.69
N LYS B 90 -26.02 -35.27 -12.29
CA LYS B 90 -25.35 -36.33 -13.03
C LYS B 90 -24.26 -37.06 -12.21
N GLY B 91 -24.29 -36.88 -10.89
CA GLY B 91 -23.36 -37.49 -9.94
C GLY B 91 -21.90 -37.11 -10.11
N ILE B 92 -21.65 -35.87 -10.57
CA ILE B 92 -20.32 -35.30 -10.80
C ILE B 92 -19.86 -34.56 -9.54
N LEU B 93 -18.67 -34.94 -9.00
CA LEU B 93 -18.10 -34.30 -7.82
C LEU B 93 -17.35 -33.02 -8.19
N VAL B 94 -17.50 -31.98 -7.35
CA VAL B 94 -16.86 -30.69 -7.58
C VAL B 94 -15.80 -30.42 -6.51
N MET B 95 -14.56 -30.17 -6.96
CA MET B 95 -13.43 -29.89 -6.09
C MET B 95 -12.74 -28.57 -6.43
N ASN B 96 -12.33 -27.82 -5.41
CA ASN B 96 -11.67 -26.53 -5.56
C ASN B 96 -10.47 -26.41 -4.60
N THR B 97 -9.74 -25.29 -4.67
CA THR B 97 -8.56 -25.05 -3.82
C THR B 97 -8.84 -23.87 -2.86
N PRO B 98 -9.45 -24.12 -1.67
CA PRO B 98 -9.82 -23.02 -0.76
C PRO B 98 -8.68 -22.27 -0.07
N ASN B 99 -7.46 -22.84 -0.06
CA ASN B 99 -6.29 -22.28 0.62
C ASN B 99 -5.21 -21.70 -0.33
N GLY B 100 -5.35 -21.97 -1.62
CA GLY B 100 -4.39 -21.54 -2.64
C GLY B 100 -4.22 -20.05 -2.85
N ASN B 101 -5.26 -19.25 -2.54
CA ASN B 101 -5.26 -17.79 -2.74
C ASN B 101 -5.03 -16.95 -1.48
N SER B 102 -5.16 -17.58 -0.29
CA SER B 102 -5.10 -16.97 1.05
C SER B 102 -4.14 -15.77 1.20
N LEU B 103 -2.82 -15.98 1.02
CA LEU B 103 -1.82 -14.92 1.19
C LEU B 103 -1.94 -13.78 0.18
N SER B 104 -2.26 -14.10 -1.09
CA SER B 104 -2.41 -13.11 -2.15
C SER B 104 -3.61 -12.20 -1.93
N ALA B 105 -4.74 -12.76 -1.45
CA ALA B 105 -5.94 -11.97 -1.15
C ALA B 105 -5.68 -11.07 0.06
N ALA B 106 -4.96 -11.60 1.07
CA ALA B 106 -4.55 -10.87 2.27
C ALA B 106 -3.59 -9.71 1.94
N GLU B 107 -2.56 -9.97 1.12
CA GLU B 107 -1.58 -8.96 0.69
C GLU B 107 -2.25 -7.85 -0.10
N LEU B 108 -3.20 -8.20 -0.99
CA LEU B 108 -3.95 -7.23 -1.78
C LEU B 108 -4.82 -6.36 -0.87
N THR B 109 -5.51 -6.98 0.10
CA THR B 109 -6.33 -6.26 1.09
C THR B 109 -5.47 -5.21 1.82
N CYS B 110 -4.26 -5.60 2.26
CA CYS B 110 -3.30 -4.75 2.97
C CYS B 110 -2.85 -3.59 2.11
N GLY B 111 -2.60 -3.88 0.83
CA GLY B 111 -2.26 -2.89 -0.18
C GLY B 111 -3.38 -1.87 -0.37
N MET B 112 -4.63 -2.34 -0.29
CA MET B 112 -5.84 -1.51 -0.44
C MET B 112 -5.96 -0.53 0.73
N ILE B 113 -5.68 -0.99 1.97
CA ILE B 113 -5.71 -0.15 3.18
C ILE B 113 -4.70 0.97 3.00
N MET B 114 -3.45 0.64 2.58
CA MET B 114 -2.35 1.58 2.30
C MET B 114 -2.78 2.64 1.30
N CYS B 115 -3.31 2.17 0.16
CA CYS B 115 -3.80 3.03 -0.93
C CYS B 115 -4.91 3.93 -0.47
N LEU B 116 -5.78 3.46 0.43
CA LEU B 116 -6.87 4.26 0.96
C LEU B 116 -6.38 5.37 1.89
N ALA B 117 -5.45 5.04 2.80
CA ALA B 117 -4.87 6.00 3.74
C ALA B 117 -4.02 7.09 3.05
N ARG B 118 -3.35 6.76 1.94
CA ARG B 118 -2.45 7.70 1.29
C ARG B 118 -2.83 8.13 -0.12
N GLN B 119 -3.96 7.62 -0.64
CA GLN B 119 -4.51 7.92 -1.98
C GLN B 119 -3.50 7.73 -3.11
N ILE B 120 -2.67 6.65 -3.01
CA ILE B 120 -1.59 6.35 -3.97
C ILE B 120 -2.13 6.26 -5.43
N PRO B 121 -3.23 5.52 -5.75
CA PRO B 121 -3.73 5.52 -7.13
C PRO B 121 -4.15 6.89 -7.64
N GLN B 122 -4.79 7.72 -6.77
CA GLN B 122 -5.22 9.07 -7.16
C GLN B 122 -4.03 9.99 -7.39
N ALA B 123 -2.98 9.86 -6.55
CA ALA B 123 -1.73 10.61 -6.64
C ALA B 123 -1.00 10.27 -7.93
N THR B 124 -0.93 8.96 -8.29
CA THR B 124 -0.32 8.48 -9.54
C THR B 124 -1.07 9.04 -10.75
N ALA B 125 -2.42 9.03 -10.72
CA ALA B 125 -3.29 9.55 -11.77
C ALA B 125 -3.06 11.05 -11.97
N SER B 126 -2.97 11.81 -10.87
CA SER B 126 -2.73 13.27 -10.85
C SER B 126 -1.35 13.59 -11.45
N MET B 127 -0.32 12.82 -11.04
CA MET B 127 1.06 12.96 -11.53
C MET B 127 1.10 12.73 -13.04
N LYS B 128 0.39 11.68 -13.53
CA LYS B 128 0.28 11.36 -14.95
C LYS B 128 -0.50 12.42 -15.72
N ASP B 129 -1.35 13.18 -15.02
CA ASP B 129 -2.09 14.31 -15.59
C ASP B 129 -1.24 15.60 -15.65
N GLY B 130 0.06 15.47 -15.33
CA GLY B 130 1.05 16.54 -15.35
C GLY B 130 0.93 17.52 -14.20
N LYS B 131 0.33 17.08 -13.09
CA LYS B 131 0.11 17.93 -11.92
C LYS B 131 0.97 17.54 -10.74
N TRP B 132 1.29 18.55 -9.91
CA TRP B 132 2.05 18.39 -8.66
C TRP B 132 1.22 19.06 -7.57
N GLU B 133 0.24 18.32 -7.05
CA GLU B 133 -0.66 18.84 -6.03
C GLU B 133 -0.52 18.05 -4.72
N ARG B 134 0.43 18.49 -3.87
CA ARG B 134 0.72 17.84 -2.59
C ARG B 134 -0.25 18.27 -1.47
N LYS B 135 -0.84 19.48 -1.59
CA LYS B 135 -1.81 20.02 -0.62
C LYS B 135 -3.13 19.28 -0.71
N LYS B 136 -3.54 18.89 -1.95
CA LYS B 136 -4.75 18.13 -2.27
C LYS B 136 -4.75 16.77 -1.55
N PHE B 137 -3.62 16.04 -1.61
CA PHE B 137 -3.49 14.73 -1.00
C PHE B 137 -2.92 14.78 0.42
N MET B 138 -3.78 15.14 1.38
CA MET B 138 -3.43 15.16 2.80
C MET B 138 -3.89 13.79 3.30
N GLY B 139 -2.93 12.90 3.55
CA GLY B 139 -3.18 11.53 3.94
C GLY B 139 -3.37 11.28 5.43
N THR B 140 -3.52 9.99 5.78
CA THR B 140 -3.69 9.53 7.16
C THR B 140 -2.64 8.47 7.51
N GLU B 141 -2.05 8.61 8.70
CA GLU B 141 -1.06 7.68 9.23
C GLU B 141 -1.81 6.51 9.86
N LEU B 142 -1.43 5.26 9.53
CA LEU B 142 -2.09 4.04 10.05
C LEU B 142 -1.79 3.74 11.50
N ASN B 143 -0.64 4.22 12.01
CA ASN B 143 -0.26 3.99 13.40
C ASN B 143 -1.32 4.55 14.34
N GLY B 144 -1.76 3.71 15.27
CA GLY B 144 -2.76 4.07 16.27
C GLY B 144 -4.20 4.05 15.81
N LYS B 145 -4.45 3.78 14.51
CA LYS B 145 -5.80 3.73 13.93
C LYS B 145 -6.42 2.36 14.17
N THR B 146 -7.75 2.32 14.28
CA THR B 146 -8.48 1.09 14.52
C THR B 146 -8.94 0.46 13.21
N LEU B 147 -8.56 -0.81 12.99
CA LEU B 147 -8.97 -1.60 11.85
C LEU B 147 -9.96 -2.67 12.33
N GLY B 148 -11.11 -2.70 11.69
CA GLY B 148 -12.15 -3.67 11.98
C GLY B 148 -12.12 -4.79 10.96
N ILE B 149 -12.00 -6.04 11.45
CA ILE B 149 -11.94 -7.21 10.57
C ILE B 149 -13.19 -8.07 10.78
N LEU B 150 -14.05 -8.08 9.77
CA LEU B 150 -15.30 -8.81 9.80
C LEU B 150 -15.09 -10.12 9.05
N GLY B 151 -15.04 -11.21 9.79
CA GLY B 151 -14.75 -12.54 9.27
C GLY B 151 -13.32 -12.87 9.65
N LEU B 152 -13.17 -13.73 10.66
CA LEU B 152 -11.84 -14.02 11.20
C LEU B 152 -11.29 -15.40 10.81
N GLY B 153 -11.51 -15.77 9.55
CA GLY B 153 -10.96 -16.98 8.96
C GLY B 153 -9.51 -16.76 8.59
N ARG B 154 -8.97 -17.60 7.68
CA ARG B 154 -7.57 -17.57 7.25
C ARG B 154 -7.11 -16.19 6.71
N ILE B 155 -7.86 -15.58 5.76
CA ILE B 155 -7.50 -14.28 5.14
C ILE B 155 -7.60 -13.14 6.16
N GLY B 156 -8.68 -13.11 6.94
CA GLY B 156 -8.90 -12.11 7.99
C GLY B 156 -7.78 -12.08 9.02
N ARG B 157 -7.27 -13.27 9.40
CA ARG B 157 -6.19 -13.50 10.35
C ARG B 157 -4.85 -12.99 9.77
N GLU B 158 -4.59 -13.25 8.47
CA GLU B 158 -3.37 -12.82 7.77
C GLU B 158 -3.32 -11.31 7.59
N VAL B 159 -4.50 -10.68 7.33
CA VAL B 159 -4.62 -9.22 7.19
C VAL B 159 -4.27 -8.60 8.55
N ALA B 160 -4.84 -9.16 9.63
CA ALA B 160 -4.68 -8.75 11.01
C ALA B 160 -3.22 -8.69 11.48
N THR B 161 -2.46 -9.80 11.36
CA THR B 161 -1.05 -9.87 11.79
C THR B 161 -0.16 -8.92 11.00
N ARG B 162 -0.45 -8.73 9.70
CA ARG B 162 0.27 -7.80 8.85
C ARG B 162 -0.02 -6.36 9.28
N MET B 163 -1.29 -6.00 9.52
CA MET B 163 -1.66 -4.64 9.90
C MET B 163 -1.32 -4.30 11.35
N GLN B 164 -1.10 -5.32 12.20
CA GLN B 164 -0.64 -5.15 13.59
C GLN B 164 0.78 -4.56 13.59
N SER B 165 1.61 -4.91 12.57
CA SER B 165 2.99 -4.41 12.41
C SER B 165 3.03 -2.91 12.11
N PHE B 166 1.89 -2.34 11.70
CA PHE B 166 1.72 -0.93 11.38
C PHE B 166 1.19 -0.14 12.58
N GLY B 167 1.07 -0.79 13.74
CA GLY B 167 0.55 -0.17 14.96
C GLY B 167 -0.95 0.04 14.92
N MET B 168 -1.64 -0.67 14.02
CA MET B 168 -3.09 -0.59 13.93
C MET B 168 -3.69 -1.43 15.04
N LYS B 169 -4.78 -0.92 15.66
CA LYS B 169 -5.53 -1.64 16.68
C LYS B 169 -6.46 -2.57 15.90
N THR B 170 -6.28 -3.90 16.03
CA THR B 170 -7.10 -4.84 15.26
C THR B 170 -8.23 -5.44 16.09
N ILE B 171 -9.45 -5.04 15.73
CA ILE B 171 -10.68 -5.51 16.35
C ILE B 171 -11.48 -6.25 15.27
N GLY B 172 -12.54 -6.93 15.67
CA GLY B 172 -13.38 -7.63 14.71
C GLY B 172 -14.43 -8.53 15.31
N TYR B 173 -15.11 -9.29 14.44
CA TYR B 173 -16.16 -10.22 14.82
C TYR B 173 -16.24 -11.39 13.86
N ASP B 174 -16.54 -12.58 14.41
CA ASP B 174 -16.76 -13.83 13.70
C ASP B 174 -17.58 -14.76 14.61
N PRO B 175 -18.80 -15.20 14.21
CA PRO B 175 -19.58 -16.08 15.10
C PRO B 175 -19.07 -17.52 15.24
N ILE B 176 -17.99 -17.89 14.51
CA ILE B 176 -17.39 -19.24 14.54
C ILE B 176 -16.07 -19.22 15.30
N ILE B 177 -15.30 -18.12 15.18
CA ILE B 177 -14.02 -17.94 15.85
C ILE B 177 -14.29 -17.26 17.20
N SER B 178 -13.96 -17.95 18.30
CA SER B 178 -14.20 -17.45 19.65
C SER B 178 -13.29 -16.27 20.04
N PRO B 179 -13.76 -15.35 20.94
CA PRO B 179 -12.90 -14.21 21.36
C PRO B 179 -11.53 -14.63 21.88
N GLU B 180 -11.43 -15.84 22.47
CA GLU B 180 -10.18 -16.39 22.98
C GLU B 180 -9.24 -16.75 21.82
N VAL B 181 -9.77 -17.41 20.77
CA VAL B 181 -9.00 -17.82 19.59
C VAL B 181 -8.51 -16.58 18.80
N SER B 182 -9.36 -15.55 18.62
CA SER B 182 -8.97 -14.34 17.88
C SER B 182 -7.93 -13.51 18.67
N ALA B 183 -8.01 -13.56 20.01
CA ALA B 183 -7.04 -12.89 20.89
C ALA B 183 -5.63 -13.44 20.62
N SER B 184 -5.49 -14.78 20.39
CA SER B 184 -4.21 -15.45 20.13
C SER B 184 -3.56 -15.00 18.82
N PHE B 185 -4.31 -14.27 17.97
CA PHE B 185 -3.74 -13.69 16.76
C PHE B 185 -3.97 -12.16 16.76
N GLY B 186 -4.12 -11.61 17.96
CA GLY B 186 -4.25 -10.18 18.21
C GLY B 186 -5.52 -9.47 17.79
N VAL B 187 -6.62 -10.19 17.59
CA VAL B 187 -7.89 -9.56 17.21
C VAL B 187 -8.83 -9.50 18.40
N GLN B 188 -9.15 -8.28 18.86
CA GLN B 188 -10.08 -8.08 19.97
C GLN B 188 -11.51 -8.20 19.44
N GLN B 189 -12.23 -9.24 19.89
CA GLN B 189 -13.59 -9.46 19.45
C GLN B 189 -14.59 -8.75 20.33
N LEU B 190 -15.52 -8.02 19.69
CA LEU B 190 -16.59 -7.28 20.36
C LEU B 190 -17.90 -7.57 19.63
N PRO B 191 -19.09 -7.43 20.29
CA PRO B 191 -20.35 -7.62 19.55
C PRO B 191 -20.36 -6.73 18.31
N LEU B 192 -20.86 -7.26 17.17
CA LEU B 192 -20.87 -6.58 15.87
C LEU B 192 -21.30 -5.11 15.92
N GLU B 193 -22.34 -4.79 16.74
CA GLU B 193 -22.84 -3.42 16.90
C GLU B 193 -21.83 -2.47 17.53
N GLU B 194 -20.89 -3.00 18.35
CA GLU B 194 -19.84 -2.22 19.01
C GLU B 194 -18.64 -1.95 18.08
N ILE B 195 -18.49 -2.72 16.98
CA ILE B 195 -17.39 -2.58 16.03
C ILE B 195 -17.50 -1.28 15.20
N TRP B 196 -18.66 -1.05 14.55
CA TRP B 196 -18.92 0.10 13.66
C TRP B 196 -18.45 1.48 14.22
N PRO B 197 -18.81 1.92 15.47
CA PRO B 197 -18.38 3.26 15.91
C PRO B 197 -16.90 3.48 16.20
N LEU B 198 -16.10 2.40 16.30
CA LEU B 198 -14.68 2.49 16.65
C LEU B 198 -13.71 2.50 15.48
N CYS B 199 -14.15 2.04 14.30
CA CYS B 199 -13.28 1.86 13.14
C CYS B 199 -13.00 3.09 12.30
N ASP B 200 -11.74 3.19 11.92
CA ASP B 200 -11.23 4.18 10.98
C ASP B 200 -11.24 3.46 9.66
N PHE B 201 -11.00 2.13 9.70
CA PHE B 201 -10.97 1.24 8.54
C PHE B 201 -11.75 -0.05 8.81
N ILE B 202 -12.45 -0.55 7.78
CA ILE B 202 -13.21 -1.80 7.86
C ILE B 202 -12.85 -2.69 6.69
N THR B 203 -12.46 -3.93 6.98
CA THR B 203 -12.18 -4.91 5.93
C THR B 203 -13.07 -6.12 6.14
N VAL B 204 -13.66 -6.63 5.04
CA VAL B 204 -14.58 -7.77 5.11
C VAL B 204 -13.94 -9.03 4.52
N HIS B 205 -14.07 -10.14 5.26
CA HIS B 205 -13.52 -11.46 4.92
C HIS B 205 -14.48 -12.57 5.34
N THR B 206 -15.78 -12.28 5.23
CA THR B 206 -16.87 -13.21 5.54
C THR B 206 -17.23 -13.92 4.24
N PRO B 207 -17.81 -15.15 4.28
CA PRO B 207 -18.28 -15.74 3.02
C PRO B 207 -19.55 -14.99 2.59
N LEU B 208 -19.97 -15.16 1.33
CA LEU B 208 -21.19 -14.52 0.87
C LEU B 208 -22.37 -15.38 1.34
N LEU B 209 -23.17 -14.85 2.29
CA LEU B 209 -24.28 -15.55 2.91
C LEU B 209 -25.51 -14.62 3.04
N PRO B 210 -26.75 -15.16 3.21
CA PRO B 210 -27.93 -14.28 3.38
C PRO B 210 -27.78 -13.20 4.46
N SER B 211 -27.16 -13.54 5.61
CA SER B 211 -26.94 -12.60 6.71
C SER B 211 -25.81 -11.59 6.41
N THR B 212 -24.83 -11.98 5.55
CA THR B 212 -23.70 -11.12 5.20
C THR B 212 -23.94 -10.30 3.92
N THR B 213 -25.04 -10.57 3.19
CA THR B 213 -25.41 -9.80 1.98
C THR B 213 -25.83 -8.41 2.44
N GLY B 214 -25.03 -7.41 2.10
CA GLY B 214 -25.28 -6.05 2.51
C GLY B 214 -24.98 -5.85 3.99
N LEU B 215 -23.97 -6.57 4.52
CA LEU B 215 -23.45 -6.48 5.90
C LEU B 215 -23.16 -4.99 6.17
N LEU B 216 -22.56 -4.31 5.18
CA LEU B 216 -22.39 -2.87 5.20
C LEU B 216 -23.49 -2.31 4.32
N ASN B 217 -24.50 -1.72 4.96
CA ASN B 217 -25.68 -1.13 4.32
C ASN B 217 -25.90 0.29 4.86
N ASP B 218 -27.01 0.96 4.50
CA ASP B 218 -27.32 2.32 4.95
C ASP B 218 -27.31 2.41 6.48
N ASN B 219 -27.91 1.41 7.17
CA ASN B 219 -27.96 1.35 8.64
C ASN B 219 -26.60 1.19 9.30
N THR B 220 -25.81 0.16 8.90
CA THR B 220 -24.48 -0.10 9.47
C THR B 220 -23.49 1.03 9.11
N PHE B 221 -23.64 1.68 7.92
CA PHE B 221 -22.83 2.82 7.51
C PHE B 221 -23.11 4.04 8.41
N ALA B 222 -24.38 4.22 8.85
CA ALA B 222 -24.80 5.30 9.74
C ALA B 222 -24.20 5.13 11.14
N GLN B 223 -23.96 3.87 11.53
CA GLN B 223 -23.35 3.49 12.81
C GLN B 223 -21.82 3.65 12.79
N CYS B 224 -21.21 3.69 11.59
CA CYS B 224 -19.78 3.89 11.41
C CYS B 224 -19.35 5.28 11.85
N LYS B 225 -18.07 5.44 12.15
CA LYS B 225 -17.43 6.70 12.50
C LYS B 225 -17.39 7.50 11.20
N LYS B 226 -17.81 8.79 11.22
CA LYS B 226 -17.81 9.67 10.03
C LYS B 226 -16.39 9.71 9.44
N GLY B 227 -16.27 9.42 8.15
CA GLY B 227 -14.99 9.39 7.46
C GLY B 227 -14.31 8.02 7.43
N VAL B 228 -15.10 6.94 7.68
CA VAL B 228 -14.62 5.55 7.66
C VAL B 228 -14.15 5.13 6.27
N ARG B 229 -13.15 4.24 6.21
CA ARG B 229 -12.63 3.70 4.97
C ARG B 229 -12.95 2.21 4.92
N VAL B 230 -13.49 1.74 3.81
CA VAL B 230 -13.97 0.37 3.66
C VAL B 230 -13.22 -0.38 2.56
N VAL B 231 -12.89 -1.67 2.83
CA VAL B 231 -12.19 -2.55 1.89
C VAL B 231 -13.03 -3.79 1.63
N ASN B 232 -13.26 -4.11 0.35
CA ASN B 232 -13.92 -5.36 -0.01
C ASN B 232 -13.10 -6.11 -1.06
N CYS B 233 -12.30 -7.09 -0.59
CA CYS B 233 -11.46 -7.99 -1.39
C CYS B 233 -11.97 -9.44 -1.21
N ALA B 234 -13.20 -9.60 -0.68
CA ALA B 234 -13.78 -10.92 -0.41
C ALA B 234 -14.80 -11.36 -1.45
N ARG B 235 -16.08 -10.95 -1.31
CA ARG B 235 -17.15 -11.33 -2.23
C ARG B 235 -18.02 -10.12 -2.55
N GLY B 236 -18.43 -9.99 -3.80
CA GLY B 236 -19.30 -8.90 -4.24
C GLY B 236 -20.69 -9.07 -3.67
N GLY B 237 -21.15 -8.08 -2.93
CA GLY B 237 -22.46 -8.10 -2.28
C GLY B 237 -22.43 -7.91 -0.78
N ILE B 238 -21.26 -8.20 -0.14
CA ILE B 238 -21.07 -8.03 1.32
C ILE B 238 -21.26 -6.56 1.65
N VAL B 239 -20.69 -5.69 0.81
CA VAL B 239 -20.86 -4.24 0.95
C VAL B 239 -21.95 -3.87 -0.04
N ASP B 240 -23.09 -3.37 0.46
CA ASP B 240 -24.18 -2.95 -0.41
C ASP B 240 -23.64 -1.78 -1.25
N GLU B 241 -23.50 -2.02 -2.58
CA GLU B 241 -22.95 -1.07 -3.54
C GLU B 241 -23.72 0.24 -3.64
N GLY B 242 -25.03 0.19 -3.46
CA GLY B 242 -25.89 1.37 -3.45
C GLY B 242 -25.66 2.22 -2.22
N ALA B 243 -25.60 1.56 -1.05
CA ALA B 243 -25.39 2.16 0.25
C ALA B 243 -23.99 2.75 0.36
N LEU B 244 -22.98 2.11 -0.26
CA LEU B 244 -21.60 2.57 -0.29
C LEU B 244 -21.51 3.91 -1.05
N LEU B 245 -22.13 3.99 -2.25
CA LEU B 245 -22.16 5.20 -3.07
C LEU B 245 -22.75 6.39 -2.29
N ARG B 246 -23.90 6.17 -1.62
CA ARG B 246 -24.59 7.17 -0.78
C ARG B 246 -23.72 7.63 0.41
N ALA B 247 -22.91 6.71 0.96
CA ALA B 247 -21.99 6.99 2.07
C ALA B 247 -20.79 7.80 1.56
N LEU B 248 -20.31 7.49 0.33
CA LEU B 248 -19.22 8.26 -0.29
C LEU B 248 -19.69 9.67 -0.68
N GLN B 249 -20.93 9.79 -1.19
CA GLN B 249 -21.48 11.09 -1.60
C GLN B 249 -21.73 12.03 -0.43
N SER B 250 -22.12 11.49 0.74
CA SER B 250 -22.38 12.29 1.94
C SER B 250 -21.09 12.60 2.70
N GLY B 251 -20.08 11.75 2.52
CA GLY B 251 -18.80 11.88 3.20
C GLY B 251 -18.77 11.05 4.48
N GLN B 252 -19.78 10.15 4.64
CA GLN B 252 -19.86 9.24 5.79
C GLN B 252 -18.75 8.20 5.64
N CYS B 253 -18.44 7.85 4.37
CA CYS B 253 -17.34 6.96 3.98
C CYS B 253 -16.35 7.86 3.23
N ALA B 254 -15.12 8.01 3.76
CA ALA B 254 -14.11 8.87 3.14
C ALA B 254 -13.45 8.24 1.91
N GLY B 255 -13.50 6.91 1.82
CA GLY B 255 -12.90 6.16 0.72
C GLY B 255 -13.24 4.68 0.76
N ALA B 256 -13.16 4.03 -0.40
CA ALA B 256 -13.45 2.60 -0.52
C ALA B 256 -12.54 1.90 -1.51
N ALA B 257 -12.12 0.67 -1.19
CA ALA B 257 -11.26 -0.16 -2.04
C ALA B 257 -12.02 -1.42 -2.42
N LEU B 258 -12.25 -1.63 -3.72
CA LEU B 258 -13.03 -2.76 -4.18
C LEU B 258 -12.33 -3.66 -5.18
N ASP B 259 -12.17 -4.96 -4.85
CA ASP B 259 -11.58 -5.95 -5.77
C ASP B 259 -12.71 -6.78 -6.41
N VAL B 260 -13.84 -6.89 -5.71
CA VAL B 260 -15.00 -7.67 -6.11
C VAL B 260 -16.25 -6.83 -6.22
N PHE B 261 -17.18 -7.25 -7.10
CA PHE B 261 -18.43 -6.54 -7.39
C PHE B 261 -19.58 -7.54 -7.54
N THR B 262 -20.84 -7.08 -7.32
CA THR B 262 -22.06 -7.89 -7.46
C THR B 262 -22.21 -8.44 -8.88
N GLU B 263 -21.77 -7.63 -9.86
CA GLU B 263 -21.73 -7.95 -11.28
C GLU B 263 -20.29 -7.75 -11.74
N GLU B 264 -19.69 -8.76 -12.39
CA GLU B 264 -18.32 -8.69 -12.89
C GLU B 264 -18.24 -8.91 -14.42
N PRO B 265 -17.81 -7.91 -15.23
CA PRO B 265 -17.41 -6.54 -14.85
C PRO B 265 -18.60 -5.68 -14.40
N PRO B 266 -18.39 -4.71 -13.47
CA PRO B 266 -19.53 -3.89 -13.03
C PRO B 266 -20.14 -3.04 -14.15
N ARG B 267 -21.46 -3.17 -14.36
CA ARG B 267 -22.18 -2.39 -15.38
C ARG B 267 -22.41 -0.99 -14.83
N ASP B 268 -22.83 -0.89 -13.54
CA ASP B 268 -23.03 0.36 -12.80
C ASP B 268 -21.62 0.91 -12.56
N ARG B 269 -21.33 2.10 -13.12
CA ARG B 269 -20.00 2.73 -13.05
C ARG B 269 -19.85 3.81 -11.99
N ALA B 270 -20.96 4.23 -11.35
CA ALA B 270 -20.99 5.28 -10.30
C ALA B 270 -19.97 5.08 -9.17
N LEU B 271 -19.79 3.84 -8.71
CA LEU B 271 -18.83 3.51 -7.67
C LEU B 271 -17.41 3.64 -8.16
N VAL B 272 -17.07 2.92 -9.26
CA VAL B 272 -15.76 2.87 -9.89
C VAL B 272 -15.26 4.28 -10.26
N ASP B 273 -16.16 5.12 -10.76
CA ASP B 273 -15.81 6.46 -11.20
C ASP B 273 -15.62 7.47 -10.06
N HIS B 274 -16.07 7.13 -8.82
CA HIS B 274 -15.92 8.02 -7.65
C HIS B 274 -14.44 8.27 -7.33
N GLU B 275 -14.09 9.55 -7.08
CA GLU B 275 -12.74 10.04 -6.77
C GLU B 275 -12.10 9.33 -5.57
N ASN B 276 -12.92 8.96 -4.58
CA ASN B 276 -12.46 8.31 -3.35
C ASN B 276 -12.53 6.78 -3.44
N VAL B 277 -12.81 6.24 -4.63
CA VAL B 277 -12.87 4.80 -4.82
C VAL B 277 -11.69 4.31 -5.63
N ILE B 278 -11.00 3.31 -5.09
CA ILE B 278 -9.89 2.65 -5.77
C ILE B 278 -10.37 1.23 -6.05
N SER B 279 -10.03 0.66 -7.22
CA SER B 279 -10.53 -0.67 -7.59
C SER B 279 -9.55 -1.52 -8.40
N CYS B 280 -9.83 -2.83 -8.48
CA CYS B 280 -9.03 -3.81 -9.22
C CYS B 280 -9.95 -4.79 -9.92
N PRO B 281 -9.62 -5.27 -11.14
CA PRO B 281 -10.51 -6.26 -11.81
C PRO B 281 -10.35 -7.68 -11.23
N HIS B 282 -10.81 -7.91 -9.98
CA HIS B 282 -10.76 -9.20 -9.26
C HIS B 282 -9.35 -9.81 -9.35
N LEU B 283 -8.37 -9.15 -8.76
CA LEU B 283 -6.97 -9.56 -8.80
C LEU B 283 -6.47 -10.28 -7.55
N GLY B 284 -7.38 -10.55 -6.60
CA GLY B 284 -7.09 -11.18 -5.32
C GLY B 284 -6.22 -12.42 -5.37
N ALA B 285 -6.52 -13.32 -6.32
CA ALA B 285 -5.78 -14.55 -6.52
C ALA B 285 -4.82 -14.43 -7.72
N SER B 286 -4.76 -13.25 -8.36
CA SER B 286 -3.96 -13.02 -9.56
C SER B 286 -2.48 -12.70 -9.29
N THR B 287 -1.77 -13.70 -8.77
CA THR B 287 -0.31 -13.68 -8.57
C THR B 287 0.18 -14.99 -9.14
N LYS B 288 1.43 -15.03 -9.63
CA LYS B 288 1.97 -16.28 -10.17
C LYS B 288 2.08 -17.35 -9.07
N GLU B 289 2.32 -16.94 -7.81
CA GLU B 289 2.43 -17.82 -6.63
C GLU B 289 1.10 -18.48 -6.26
N ALA B 290 -0.01 -17.70 -6.23
CA ALA B 290 -1.34 -18.24 -5.93
C ALA B 290 -1.81 -19.12 -7.08
N GLN B 291 -1.51 -18.72 -8.33
CA GLN B 291 -1.88 -19.49 -9.52
C GLN B 291 -1.18 -20.83 -9.56
N SER B 292 0.14 -20.86 -9.23
CA SER B 292 0.92 -22.11 -9.16
C SER B 292 0.43 -23.01 -8.04
N ARG B 293 0.10 -22.45 -6.86
CA ARG B 293 -0.44 -23.20 -5.72
C ARG B 293 -1.80 -23.81 -6.03
N CYS B 294 -2.72 -23.02 -6.63
CA CYS B 294 -4.06 -23.47 -7.01
C CYS B 294 -4.01 -24.57 -8.07
N GLY B 295 -3.12 -24.40 -9.06
CA GLY B 295 -2.92 -25.35 -10.13
C GLY B 295 -2.32 -26.65 -9.62
N GLU B 296 -1.37 -26.54 -8.68
CA GLU B 296 -0.70 -27.67 -8.04
C GLU B 296 -1.69 -28.45 -7.16
N GLU B 297 -2.41 -27.74 -6.26
CA GLU B 297 -3.38 -28.34 -5.34
C GLU B 297 -4.55 -29.04 -6.03
N ILE B 298 -5.00 -28.52 -7.20
CA ILE B 298 -6.11 -29.14 -7.95
C ILE B 298 -5.64 -30.41 -8.70
N ALA B 299 -4.43 -30.37 -9.29
CA ALA B 299 -3.87 -31.49 -10.04
C ALA B 299 -3.55 -32.67 -9.14
N VAL B 300 -3.03 -32.43 -7.92
CA VAL B 300 -2.68 -33.49 -6.97
C VAL B 300 -3.94 -34.20 -6.43
N GLN B 301 -5.06 -33.46 -6.21
CA GLN B 301 -6.30 -34.07 -5.73
C GLN B 301 -7.04 -34.81 -6.88
N PHE B 302 -6.65 -34.52 -8.14
CA PHE B 302 -7.15 -35.19 -9.35
C PHE B 302 -6.33 -36.46 -9.58
N VAL B 303 -5.03 -36.42 -9.21
CA VAL B 303 -4.10 -37.54 -9.30
C VAL B 303 -4.44 -38.53 -8.17
N ASP B 304 -4.78 -38.00 -6.97
CA ASP B 304 -5.17 -38.70 -5.75
C ASP B 304 -6.19 -39.84 -5.98
N MET B 305 -7.06 -39.70 -7.00
CA MET B 305 -8.10 -40.64 -7.40
C MET B 305 -7.55 -42.07 -7.59
N VAL B 306 -8.11 -43.03 -6.82
CA VAL B 306 -7.72 -44.44 -6.83
C VAL B 306 -8.95 -45.36 -6.80
C5 K4T C . 23.10 7.23 6.61
C6 K4T C . 24.18 5.43 3.61
C8 K4T C . 21.91 6.92 8.72
C10 K4T C . 21.13 5.95 9.59
C13 K4T C . 25.50 8.43 5.00
C15 K4T C . 23.38 3.22 2.74
C17 K4T C . 23.41 2.21 1.80
C1 K4T C . 23.70 6.69 5.39
N2 K4T C . 24.76 7.21 4.68
C3 K4T C . 23.32 5.54 4.72
N4 K4T C . 25.00 6.46 3.66
N7 K4T C . 22.51 6.40 7.49
C9 K4T C . 20.38 7.01 8.77
O11 K4T C . 23.13 8.43 6.85
C12 K4T C . 24.19 4.36 2.59
C14 K4T C . 25.03 4.45 1.47
C16 K4T C . 25.04 3.44 0.52
C18 K4T C . 24.24 2.32 0.68
S SO4 D . -9.82 -16.18 -9.89
O1 SO4 D . -8.66 -15.29 -9.83
O2 SO4 D . -10.88 -15.54 -10.65
O3 SO4 D . -9.45 -17.43 -10.52
O4 SO4 D . -10.30 -16.44 -8.52
C5 K4T E . -17.85 -17.44 8.86
C6 K4T E . -19.48 -14.25 9.67
C8 K4T E . -15.75 -18.68 9.27
C10 K4T E . -14.64 -18.90 10.30
C13 K4T E . -20.94 -17.46 9.23
C15 K4T E . -20.78 -12.11 9.80
C17 K4T E . -20.86 -10.77 10.10
C1 K4T E . -18.72 -16.29 9.17
N2 K4T E . -20.08 -16.29 9.33
C3 K4T E . -18.30 -14.98 9.39
N4 K4T E . -20.48 -15.10 9.60
N7 K4T E . -16.66 -17.55 9.50
C9 K4T E . -14.29 -18.37 8.92
O11 K4T E . -18.23 -18.31 8.08
C12 K4T E . -19.58 -12.81 10.00
C14 K4T E . -18.47 -12.14 10.53
C16 K4T E . -18.56 -10.79 10.82
C18 K4T E . -19.75 -10.10 10.61
#